data_2MCE
#
_entry.id   2MCE
#
_entity_poly.entity_id   1
_entity_poly.type   'polypeptide(L)'
_entity_poly.pdbx_seq_one_letter_code
;DAGHGQISHKRHKTDSFVGLM
;
_entity_poly.pdbx_strand_id   A
#
# COMPACT_ATOMS: atom_id res chain seq x y z
N ASP A 1 10.64 -14.72 0.79
CA ASP A 1 9.21 -14.55 0.65
C ASP A 1 8.93 -13.49 -0.42
N ALA A 2 8.30 -13.95 -1.51
CA ALA A 2 7.98 -13.06 -2.60
C ALA A 2 6.59 -12.46 -2.37
N GLY A 3 5.68 -13.31 -1.91
CA GLY A 3 4.32 -12.89 -1.65
C GLY A 3 4.25 -12.02 -0.39
N HIS A 4 5.41 -11.85 0.23
CA HIS A 4 5.50 -11.04 1.44
C HIS A 4 5.40 -9.56 1.08
N GLY A 5 5.72 -9.27 -0.17
CA GLY A 5 5.67 -7.89 -0.66
C GLY A 5 4.25 -7.52 -1.10
N GLN A 6 3.44 -8.54 -1.31
CA GLN A 6 2.06 -8.32 -1.73
C GLN A 6 1.24 -7.76 -0.57
N ILE A 7 1.74 -7.97 0.64
CA ILE A 7 1.06 -7.49 1.83
C ILE A 7 1.44 -6.02 2.06
N SER A 8 2.54 -5.62 1.44
CA SER A 8 3.01 -4.25 1.57
C SER A 8 2.21 -3.33 0.66
N HIS A 9 1.56 -3.93 -0.33
CA HIS A 9 0.76 -3.19 -1.27
C HIS A 9 -0.44 -2.57 -0.55
N LYS A 10 -0.76 -3.16 0.59
CA LYS A 10 -1.88 -2.68 1.40
C LYS A 10 -1.53 -1.33 2.01
N ARG A 11 -0.23 -1.09 2.10
CA ARG A 11 0.26 0.17 2.67
C ARG A 11 0.29 1.25 1.59
N HIS A 12 0.00 0.84 0.37
CA HIS A 12 0.00 1.76 -0.75
C HIS A 12 -1.36 2.46 -0.84
N LYS A 13 -2.32 1.93 -0.09
CA LYS A 13 -3.66 2.48 -0.07
C LYS A 13 -3.65 3.78 0.74
N THR A 14 -2.68 3.87 1.63
CA THR A 14 -2.56 5.04 2.48
C THR A 14 -2.00 6.22 1.68
N ASP A 15 -1.31 5.89 0.61
CA ASP A 15 -0.71 6.92 -0.25
C ASP A 15 -1.81 7.55 -1.09
N SER A 16 -2.85 6.77 -1.35
CA SER A 16 -3.98 7.26 -2.14
C SER A 16 -4.84 8.21 -1.31
N PHE A 17 -4.72 8.07 0.00
CA PHE A 17 -5.47 8.91 0.92
C PHE A 17 -4.88 10.32 0.98
N VAL A 18 -3.61 10.41 0.62
CA VAL A 18 -2.92 11.69 0.63
C VAL A 18 -3.49 12.59 -0.48
N GLY A 19 -3.93 11.94 -1.54
CA GLY A 19 -4.50 12.65 -2.67
C GLY A 19 -5.98 12.95 -2.44
N LEU A 20 -6.47 12.50 -1.30
CA LEU A 20 -7.87 12.71 -0.95
C LEU A 20 -8.00 14.03 -0.18
N MET A 21 -6.89 14.43 0.42
CA MET A 21 -6.87 15.67 1.19
C MET A 21 -6.88 16.89 0.27
N ASP A 1 6.43 -17.15 2.76
CA ASP A 1 5.98 -16.86 1.42
C ASP A 1 6.81 -15.71 0.84
N ALA A 2 7.21 -15.89 -0.41
CA ALA A 2 8.01 -14.87 -1.08
C ALA A 2 7.12 -13.68 -1.43
N GLY A 3 5.88 -13.99 -1.80
CA GLY A 3 4.93 -12.95 -2.16
C GLY A 3 4.44 -12.20 -0.91
N HIS A 4 4.94 -12.64 0.23
CA HIS A 4 4.56 -12.02 1.49
C HIS A 4 5.05 -10.57 1.52
N GLY A 5 5.91 -10.25 0.59
CA GLY A 5 6.46 -8.91 0.49
C GLY A 5 5.53 -7.99 -0.31
N GLN A 6 4.60 -8.62 -1.01
CA GLN A 6 3.64 -7.87 -1.82
C GLN A 6 2.76 -7.00 -0.92
N ILE A 7 2.75 -7.33 0.35
CA ILE A 7 1.97 -6.59 1.32
C ILE A 7 2.53 -5.18 1.45
N SER A 8 3.76 -5.02 0.98
CA SER A 8 4.43 -3.72 1.05
C SER A 8 3.81 -2.77 0.02
N HIS A 9 3.05 -3.36 -0.90
CA HIS A 9 2.41 -2.57 -1.94
C HIS A 9 1.11 -1.98 -1.39
N LYS A 10 0.69 -2.49 -0.25
CA LYS A 10 -0.53 -2.01 0.38
C LYS A 10 -0.34 -0.56 0.81
N ARG A 11 0.90 -0.14 0.87
CA ARG A 11 1.23 1.21 1.26
C ARG A 11 0.73 2.21 0.21
N HIS A 12 0.34 1.66 -0.94
CA HIS A 12 -0.16 2.48 -2.02
C HIS A 12 -1.54 3.03 -1.66
N LYS A 13 -2.20 2.34 -0.73
CA LYS A 13 -3.52 2.75 -0.28
C LYS A 13 -3.39 4.02 0.56
N THR A 14 -2.20 4.21 1.12
CA THR A 14 -1.94 5.38 1.94
C THR A 14 -1.78 6.63 1.07
N ASP A 15 -1.41 6.39 -0.19
CA ASP A 15 -1.22 7.48 -1.12
C ASP A 15 -2.59 8.02 -1.56
N SER A 16 -3.58 7.13 -1.53
CA SER A 16 -4.93 7.49 -1.92
C SER A 16 -5.58 8.34 -0.80
N PHE A 17 -5.05 8.19 0.39
CA PHE A 17 -5.56 8.93 1.54
C PHE A 17 -5.13 10.40 1.49
N VAL A 18 -4.04 10.63 0.76
CA VAL A 18 -3.52 11.98 0.62
C VAL A 18 -4.43 12.79 -0.30
N GLY A 19 -5.06 12.09 -1.22
CA GLY A 19 -5.96 12.73 -2.18
C GLY A 19 -7.36 12.87 -1.57
N LEU A 20 -7.50 12.37 -0.36
CA LEU A 20 -8.78 12.42 0.33
C LEU A 20 -8.87 13.73 1.14
N MET A 21 -7.70 14.26 1.46
CA MET A 21 -7.61 15.49 2.22
C MET A 21 -7.87 16.71 1.33
N ASP A 1 9.05 -16.19 2.60
CA ASP A 1 9.11 -15.95 1.16
C ASP A 1 9.24 -14.46 0.89
N ALA A 2 9.58 -14.13 -0.35
CA ALA A 2 9.74 -12.75 -0.74
C ALA A 2 8.41 -12.19 -1.24
N GLY A 3 7.44 -13.09 -1.35
CA GLY A 3 6.11 -12.71 -1.80
C GLY A 3 5.37 -11.91 -0.74
N HIS A 4 6.04 -11.72 0.39
CA HIS A 4 5.46 -10.97 1.49
C HIS A 4 5.30 -9.51 1.09
N GLY A 5 6.06 -9.11 0.09
CA GLY A 5 6.01 -7.75 -0.40
C GLY A 5 4.71 -7.49 -1.17
N GLN A 6 4.04 -8.58 -1.53
CA GLN A 6 2.79 -8.48 -2.26
C GLN A 6 1.68 -7.99 -1.34
N ILE A 7 1.92 -8.12 -0.04
CA ILE A 7 0.95 -7.69 0.94
C ILE A 7 1.11 -6.19 1.19
N SER A 8 2.28 -5.69 0.86
CA SER A 8 2.57 -4.28 1.04
C SER A 8 1.75 -3.44 0.06
N HIS A 9 1.24 -4.12 -0.95
CA HIS A 9 0.43 -3.45 -1.97
C HIS A 9 -0.87 -2.95 -1.34
N LYS A 10 -1.24 -3.56 -0.23
CA LYS A 10 -2.45 -3.19 0.48
C LYS A 10 -2.26 -1.81 1.11
N ARG A 11 -1.00 -1.41 1.22
CA ARG A 11 -0.66 -0.12 1.79
C ARG A 11 -0.91 1.00 0.77
N HIS A 12 -1.38 0.60 -0.39
CA HIS A 12 -1.66 1.56 -1.45
C HIS A 12 -2.80 2.47 -1.02
N LYS A 13 -3.57 2.00 -0.05
CA LYS A 13 -4.69 2.77 0.47
C LYS A 13 -4.16 4.05 1.13
N THR A 14 -2.92 3.98 1.55
CA THR A 14 -2.29 5.12 2.21
C THR A 14 -1.93 6.20 1.18
N ASP A 15 -1.77 5.76 -0.05
CA ASP A 15 -1.43 6.66 -1.13
C ASP A 15 -2.67 7.48 -1.52
N SER A 16 -3.82 6.88 -1.29
CA SER A 16 -5.08 7.54 -1.61
C SER A 16 -5.39 8.62 -0.56
N PHE A 17 -4.77 8.45 0.60
CA PHE A 17 -4.96 9.41 1.69
C PHE A 17 -4.19 10.71 1.42
N VAL A 18 -3.18 10.59 0.59
CA VAL A 18 -2.36 11.74 0.24
C VAL A 18 -3.14 12.65 -0.71
N GLY A 19 -4.00 12.03 -1.50
CA GLY A 19 -4.81 12.77 -2.45
C GLY A 19 -6.08 13.30 -1.80
N LEU A 20 -6.23 13.00 -0.52
CA LEU A 20 -7.38 13.44 0.24
C LEU A 20 -7.07 14.80 0.88
N MET A 21 -5.79 15.06 1.05
CA MET A 21 -5.35 16.32 1.64
C MET A 21 -5.59 17.48 0.68
N ASP A 1 6.82 -16.97 3.34
CA ASP A 1 6.08 -16.53 2.17
C ASP A 1 6.95 -15.55 1.38
N ALA A 2 7.05 -15.82 0.08
CA ALA A 2 7.85 -14.98 -0.80
C ALA A 2 6.97 -13.84 -1.33
N GLY A 3 5.75 -14.19 -1.68
CA GLY A 3 4.82 -13.21 -2.21
C GLY A 3 4.27 -12.32 -1.09
N HIS A 4 4.74 -12.59 0.12
CA HIS A 4 4.32 -11.82 1.27
C HIS A 4 4.80 -10.37 1.12
N GLY A 5 5.74 -10.18 0.21
CA GLY A 5 6.30 -8.86 -0.03
C GLY A 5 5.31 -8.00 -0.83
N GLN A 6 4.33 -8.67 -1.42
CA GLN A 6 3.33 -7.98 -2.22
C GLN A 6 2.43 -7.13 -1.33
N ILE A 7 2.49 -7.42 -0.04
CA ILE A 7 1.69 -6.69 0.93
C ILE A 7 2.37 -5.35 1.24
N SER A 8 3.67 -5.30 0.97
CA SER A 8 4.44 -4.10 1.21
C SER A 8 4.00 -2.99 0.23
N HIS A 9 3.26 -3.41 -0.79
CA HIS A 9 2.77 -2.47 -1.79
C HIS A 9 1.46 -1.84 -1.31
N LYS A 10 0.98 -2.35 -0.19
CA LYS A 10 -0.26 -1.85 0.38
C LYS A 10 -0.06 -0.39 0.83
N ARG A 11 1.20 -0.01 0.92
CA ARG A 11 1.54 1.34 1.33
C ARG A 11 1.05 2.35 0.30
N HIS A 12 0.64 1.82 -0.86
CA HIS A 12 0.15 2.66 -1.93
C HIS A 12 -1.26 3.16 -1.59
N LYS A 13 -1.92 2.41 -0.71
CA LYS A 13 -3.26 2.78 -0.29
C LYS A 13 -3.22 4.04 0.55
N THR A 14 -2.05 4.29 1.13
CA THR A 14 -1.85 5.47 1.96
C THR A 14 -1.73 6.72 1.08
N ASP A 15 -1.32 6.50 -0.16
CA ASP A 15 -1.16 7.59 -1.10
C ASP A 15 -2.54 8.07 -1.57
N SER A 16 -3.48 7.14 -1.55
CA SER A 16 -4.84 7.45 -1.97
C SER A 16 -5.55 8.26 -0.89
N PHE A 17 -5.03 8.15 0.33
CA PHE A 17 -5.61 8.85 1.46
C PHE A 17 -5.25 10.34 1.42
N VAL A 18 -4.16 10.62 0.71
CA VAL A 18 -3.68 11.99 0.59
C VAL A 18 -4.65 12.78 -0.30
N GLY A 19 -5.26 12.06 -1.23
CA GLY A 19 -6.21 12.68 -2.14
C GLY A 19 -7.59 12.80 -1.50
N LEU A 20 -7.69 12.28 -0.29
CA LEU A 20 -8.94 12.33 0.44
C LEU A 20 -9.00 13.61 1.28
N MET A 21 -7.83 14.13 1.57
CA MET A 21 -7.73 15.36 2.35
C MET A 21 -7.82 16.59 1.45
N ASP A 1 9.82 -15.22 2.91
CA ASP A 1 8.60 -15.10 2.12
C ASP A 1 8.82 -14.09 0.99
N ALA A 2 8.43 -14.49 -0.21
CA ALA A 2 8.58 -13.62 -1.37
C ALA A 2 7.35 -12.72 -1.49
N GLY A 3 6.19 -13.32 -1.22
CA GLY A 3 4.94 -12.58 -1.30
C GLY A 3 4.78 -11.64 -0.10
N HIS A 4 5.79 -11.66 0.76
CA HIS A 4 5.78 -10.81 1.94
C HIS A 4 5.84 -9.35 1.51
N GLY A 5 6.35 -9.12 0.31
CA GLY A 5 6.48 -7.78 -0.23
C GLY A 5 5.17 -7.34 -0.89
N GLN A 6 4.32 -8.32 -1.16
CA GLN A 6 3.04 -8.05 -1.79
C GLN A 6 2.07 -7.40 -0.79
N ILE A 7 2.37 -7.61 0.49
CA ILE A 7 1.55 -7.05 1.55
C ILE A 7 1.62 -5.53 1.50
N SER A 8 2.70 -5.03 0.90
CA SER A 8 2.89 -3.60 0.78
C SER A 8 2.05 -3.04 -0.37
N HIS A 9 1.66 -3.95 -1.26
CA HIS A 9 0.85 -3.57 -2.41
C HIS A 9 -0.55 -3.18 -1.95
N LYS A 10 -0.87 -3.59 -0.74
CA LYS A 10 -2.17 -3.29 -0.17
C LYS A 10 -2.15 -1.90 0.46
N ARG A 11 -0.94 -1.41 0.69
CA ARG A 11 -0.75 -0.10 1.28
C ARG A 11 -0.95 0.99 0.21
N HIS A 12 -1.29 0.55 -0.99
CA HIS A 12 -1.51 1.47 -2.08
C HIS A 12 -2.71 2.36 -1.79
N LYS A 13 -3.61 1.84 -0.97
CA LYS A 13 -4.81 2.58 -0.60
C LYS A 13 -4.42 3.74 0.31
N THR A 14 -3.27 3.59 0.95
CA THR A 14 -2.78 4.62 1.85
C THR A 14 -2.22 5.81 1.04
N ASP A 15 -1.84 5.51 -0.19
CA ASP A 15 -1.30 6.53 -1.06
C ASP A 15 -2.43 7.43 -1.57
N SER A 16 -3.62 6.84 -1.64
CA SER A 16 -4.79 7.57 -2.10
C SER A 16 -5.27 8.51 -1.01
N PHE A 17 -4.89 8.20 0.22
CA PHE A 17 -5.28 9.02 1.36
C PHE A 17 -4.47 10.32 1.41
N VAL A 18 -3.31 10.28 0.77
CA VAL A 18 -2.44 11.44 0.73
C VAL A 18 -3.09 12.53 -0.11
N GLY A 19 -3.88 12.10 -1.09
CA GLY A 19 -4.56 13.04 -1.97
C GLY A 19 -5.88 13.51 -1.34
N LEU A 20 -6.16 12.97 -0.16
CA LEU A 20 -7.38 13.33 0.54
C LEU A 20 -7.11 14.53 1.46
N MET A 21 -5.83 14.70 1.80
CA MET A 21 -5.42 15.80 2.64
C MET A 21 -5.53 17.14 1.90
N ASP A 1 6.45 -15.97 3.96
CA ASP A 1 6.14 -16.15 2.54
C ASP A 1 6.94 -15.14 1.72
N ALA A 2 7.47 -15.61 0.61
CA ALA A 2 8.26 -14.77 -0.27
C ALA A 2 7.35 -13.75 -0.94
N GLY A 3 6.14 -14.20 -1.25
CA GLY A 3 5.16 -13.33 -1.90
C GLY A 3 4.60 -12.30 -0.92
N HIS A 4 5.10 -12.38 0.32
CA HIS A 4 4.66 -11.46 1.35
C HIS A 4 5.09 -10.04 0.99
N GLY A 5 6.09 -9.96 0.12
CA GLY A 5 6.61 -8.68 -0.30
C GLY A 5 5.56 -7.89 -1.10
N GLN A 6 4.53 -8.61 -1.53
CA GLN A 6 3.46 -8.02 -2.29
C GLN A 6 2.56 -7.18 -1.38
N ILE A 7 2.74 -7.39 -0.08
CA ILE A 7 1.94 -6.67 0.91
C ILE A 7 2.36 -5.20 0.91
N SER A 8 3.56 -4.95 0.40
CA SER A 8 4.09 -3.59 0.34
C SER A 8 3.25 -2.75 -0.62
N HIS A 9 2.49 -3.45 -1.47
CA HIS A 9 1.64 -2.78 -2.44
C HIS A 9 0.44 -2.16 -1.72
N LYS A 10 0.18 -2.66 -0.52
CA LYS A 10 -0.94 -2.16 0.27
C LYS A 10 -0.63 -0.76 0.76
N ARG A 11 0.66 -0.45 0.82
CA ARG A 11 1.10 0.86 1.26
C ARG A 11 0.66 1.94 0.27
N HIS A 12 0.37 1.49 -0.95
CA HIS A 12 -0.06 2.41 -1.99
C HIS A 12 -1.46 2.93 -1.66
N LYS A 13 -2.15 2.20 -0.80
CA LYS A 13 -3.48 2.59 -0.40
C LYS A 13 -3.41 3.83 0.49
N THR A 14 -2.25 4.02 1.11
CA THR A 14 -2.04 5.16 1.98
C THR A 14 -1.86 6.43 1.16
N ASP A 15 -1.44 6.24 -0.08
CA ASP A 15 -1.22 7.37 -0.98
C ASP A 15 -2.58 7.90 -1.44
N SER A 16 -3.55 7.01 -1.51
CA SER A 16 -4.89 7.39 -1.94
C SER A 16 -5.55 8.27 -0.88
N PHE A 17 -5.10 8.09 0.35
CA PHE A 17 -5.63 8.87 1.46
C PHE A 17 -5.10 10.30 1.43
N VAL A 18 -3.96 10.47 0.78
CA VAL A 18 -3.34 11.78 0.68
C VAL A 18 -4.22 12.70 -0.17
N GLY A 19 -4.93 12.07 -1.10
CA GLY A 19 -5.82 12.82 -1.98
C GLY A 19 -7.19 13.04 -1.31
N LEU A 20 -7.31 12.50 -0.11
CA LEU A 20 -8.56 12.63 0.63
C LEU A 20 -8.51 13.90 1.49
N MET A 21 -7.28 14.33 1.77
CA MET A 21 -7.09 15.52 2.58
C MET A 21 -7.47 16.78 1.80
N ASP A 1 6.94 -16.57 3.77
CA ASP A 1 6.31 -16.44 2.47
C ASP A 1 7.11 -15.45 1.61
N ALA A 2 7.15 -15.73 0.32
CA ALA A 2 7.87 -14.86 -0.61
C ALA A 2 6.91 -13.80 -1.14
N GLY A 3 5.65 -14.17 -1.27
CA GLY A 3 4.64 -13.27 -1.76
C GLY A 3 4.26 -12.24 -0.71
N HIS A 4 4.92 -12.33 0.44
CA HIS A 4 4.67 -11.43 1.54
C HIS A 4 5.06 -10.01 1.14
N GLY A 5 5.87 -9.94 0.08
CA GLY A 5 6.33 -8.64 -0.42
C GLY A 5 5.20 -7.89 -1.12
N GLN A 6 4.15 -8.64 -1.45
CA GLN A 6 3.00 -8.06 -2.13
C GLN A 6 2.19 -7.20 -1.15
N ILE A 7 2.34 -7.50 0.13
CA ILE A 7 1.64 -6.76 1.16
C ILE A 7 2.28 -5.38 1.33
N SER A 8 3.41 -5.21 0.66
CA SER A 8 4.13 -3.95 0.74
C SER A 8 3.55 -2.96 -0.28
N HIS A 9 2.96 -3.51 -1.33
CA HIS A 9 2.37 -2.69 -2.37
C HIS A 9 1.12 -2.00 -1.83
N LYS A 10 0.67 -2.47 -0.67
CA LYS A 10 -0.52 -1.92 -0.05
C LYS A 10 -0.19 -0.53 0.52
N ARG A 11 1.10 -0.26 0.63
CA ARG A 11 1.55 1.01 1.15
C ARG A 11 1.15 2.15 0.21
N HIS A 12 0.73 1.75 -1.00
CA HIS A 12 0.31 2.72 -1.99
C HIS A 12 -1.09 3.21 -1.68
N LYS A 13 -1.81 2.41 -0.89
CA LYS A 13 -3.16 2.75 -0.51
C LYS A 13 -3.14 4.00 0.38
N THR A 14 -2.00 4.20 1.02
CA THR A 14 -1.84 5.34 1.91
C THR A 14 -1.67 6.63 1.10
N ASP A 15 -1.21 6.45 -0.13
CA ASP A 15 -1.01 7.59 -1.02
C ASP A 15 -2.36 8.09 -1.52
N SER A 16 -3.32 7.18 -1.58
CA SER A 16 -4.65 7.51 -2.04
C SER A 16 -5.40 8.28 -0.96
N PHE A 17 -4.94 8.11 0.27
CA PHE A 17 -5.55 8.79 1.41
C PHE A 17 -5.17 10.27 1.44
N VAL A 18 -4.04 10.57 0.80
CA VAL A 18 -3.56 11.93 0.74
C VAL A 18 -4.52 12.78 -0.09
N GLY A 19 -5.14 12.13 -1.06
CA GLY A 19 -6.08 12.80 -1.94
C GLY A 19 -7.47 12.86 -1.31
N LEU A 20 -7.58 12.27 -0.13
CA LEU A 20 -8.84 12.25 0.59
C LEU A 20 -8.94 13.49 1.48
N MET A 21 -7.78 14.03 1.81
CA MET A 21 -7.72 15.21 2.66
C MET A 21 -8.24 16.44 1.91
N ASP A 1 9.10 -16.08 2.63
CA ASP A 1 7.86 -15.43 2.25
C ASP A 1 8.10 -14.55 1.02
N ALA A 2 7.58 -15.01 -0.11
CA ALA A 2 7.74 -14.28 -1.36
C ALA A 2 6.57 -13.31 -1.52
N GLY A 3 5.39 -13.77 -1.13
CA GLY A 3 4.19 -12.96 -1.23
C GLY A 3 4.19 -11.86 -0.16
N HIS A 4 5.23 -11.86 0.64
CA HIS A 4 5.37 -10.86 1.70
C HIS A 4 5.53 -9.48 1.07
N GLY A 5 5.96 -9.47 -0.18
CA GLY A 5 6.15 -8.23 -0.90
C GLY A 5 4.82 -7.59 -1.29
N GLN A 6 3.77 -8.42 -1.25
CA GLN A 6 2.44 -7.96 -1.59
C GLN A 6 1.87 -7.10 -0.47
N ILE A 7 2.40 -7.31 0.72
CA ILE A 7 1.96 -6.57 1.89
C ILE A 7 2.37 -5.10 1.73
N SER A 8 3.38 -4.87 0.91
CA SER A 8 3.87 -3.54 0.67
C SER A 8 3.04 -2.86 -0.43
N HIS A 9 2.20 -3.66 -1.07
CA HIS A 9 1.36 -3.16 -2.13
C HIS A 9 0.08 -2.56 -1.54
N LYS A 10 -0.08 -2.77 -0.24
CA LYS A 10 -1.23 -2.26 0.47
C LYS A 10 -0.99 -0.80 0.88
N ARG A 11 0.28 -0.42 0.85
CA ARG A 11 0.67 0.93 1.21
C ARG A 11 0.35 1.90 0.07
N HIS A 12 -0.01 1.32 -1.07
CA HIS A 12 -0.33 2.12 -2.24
C HIS A 12 -1.72 2.73 -2.07
N LYS A 13 -2.60 1.98 -1.40
CA LYS A 13 -3.95 2.45 -1.17
C LYS A 13 -3.93 3.55 -0.11
N THR A 14 -2.93 3.49 0.75
CA THR A 14 -2.77 4.48 1.80
C THR A 14 -2.26 5.80 1.23
N ASP A 15 -1.57 5.69 0.10
CA ASP A 15 -1.02 6.86 -0.56
C ASP A 15 -2.15 7.66 -1.20
N SER A 16 -3.22 6.96 -1.55
CA SER A 16 -4.37 7.58 -2.16
C SER A 16 -5.17 8.36 -1.11
N PHE A 17 -4.98 7.96 0.14
CA PHE A 17 -5.67 8.60 1.24
C PHE A 17 -5.08 9.97 1.55
N VAL A 18 -3.81 10.13 1.16
CA VAL A 18 -3.11 11.38 1.39
C VAL A 18 -3.64 12.43 0.42
N GLY A 19 -4.07 11.97 -0.75
CA GLY A 19 -4.60 12.87 -1.76
C GLY A 19 -6.09 13.15 -1.52
N LEU A 20 -6.61 12.53 -0.47
CA LEU A 20 -8.01 12.71 -0.12
C LEU A 20 -8.15 13.89 0.85
N MET A 21 -7.05 14.17 1.54
CA MET A 21 -7.03 15.27 2.49
C MET A 21 -7.09 16.62 1.78
N ASP A 1 9.88 -14.74 1.70
CA ASP A 1 8.79 -14.90 0.75
C ASP A 1 8.69 -13.64 -0.11
N ALA A 2 8.77 -13.85 -1.42
CA ALA A 2 8.68 -12.75 -2.36
C ALA A 2 7.22 -12.32 -2.52
N GLY A 3 6.36 -13.32 -2.65
CA GLY A 3 4.94 -13.06 -2.82
C GLY A 3 4.30 -12.62 -1.50
N HIS A 4 5.14 -12.56 -0.46
CA HIS A 4 4.68 -12.16 0.85
C HIS A 4 4.70 -10.63 0.94
N GLY A 5 5.20 -10.00 -0.11
CA GLY A 5 5.28 -8.56 -0.15
C GLY A 5 3.97 -7.94 -0.64
N GLN A 6 3.16 -8.78 -1.28
CA GLN A 6 1.88 -8.34 -1.79
C GLN A 6 1.04 -7.74 -0.67
N ILE A 7 1.31 -8.20 0.54
CA ILE A 7 0.59 -7.72 1.70
C ILE A 7 1.13 -6.36 2.13
N SER A 8 2.34 -6.07 1.66
CA SER A 8 2.99 -4.81 1.97
C SER A 8 2.52 -3.73 1.00
N HIS A 9 1.51 -4.08 0.21
CA HIS A 9 0.97 -3.14 -0.77
C HIS A 9 -0.07 -2.24 -0.09
N LYS A 10 -0.46 -2.64 1.11
CA LYS A 10 -1.44 -1.89 1.86
C LYS A 10 -0.84 -0.53 2.24
N ARG A 11 0.48 -0.47 2.23
CA ARG A 11 1.18 0.76 2.56
C ARG A 11 1.00 1.79 1.45
N HIS A 12 0.60 1.30 0.27
CA HIS A 12 0.39 2.16 -0.88
C HIS A 12 -1.02 2.75 -0.82
N LYS A 13 -1.82 2.19 0.07
CA LYS A 13 -3.19 2.65 0.23
C LYS A 13 -3.20 4.00 0.95
N THR A 14 -2.13 4.24 1.69
CA THR A 14 -1.99 5.47 2.44
C THR A 14 -1.64 6.63 1.49
N ASP A 15 -1.05 6.27 0.36
CA ASP A 15 -0.67 7.26 -0.62
C ASP A 15 -1.91 7.76 -1.36
N SER A 16 -2.91 6.89 -1.43
CA SER A 16 -4.16 7.22 -2.10
C SER A 16 -4.98 8.17 -1.23
N PHE A 17 -4.69 8.14 0.07
CA PHE A 17 -5.39 8.98 1.01
C PHE A 17 -4.91 10.44 0.91
N VAL A 18 -3.71 10.60 0.37
CA VAL A 18 -3.13 11.92 0.21
C VAL A 18 -3.92 12.68 -0.84
N GLY A 19 -4.47 11.95 -1.79
CA GLY A 19 -5.24 12.53 -2.87
C GLY A 19 -6.70 12.77 -2.43
N LEU A 20 -6.98 12.36 -1.20
CA LEU A 20 -8.32 12.51 -0.66
C LEU A 20 -8.42 13.86 0.06
N MET A 21 -7.27 14.37 0.47
CA MET A 21 -7.22 15.64 1.16
C MET A 21 -7.47 16.80 0.19
N ASP A 1 8.26 -17.62 1.33
CA ASP A 1 8.22 -16.98 0.04
C ASP A 1 8.58 -15.50 0.20
N ALA A 2 9.11 -14.93 -0.88
CA ALA A 2 9.51 -13.53 -0.87
C ALA A 2 8.32 -12.67 -1.31
N GLY A 3 7.27 -13.35 -1.74
CA GLY A 3 6.07 -12.64 -2.18
C GLY A 3 5.31 -12.04 -1.00
N HIS A 4 5.87 -12.25 0.19
CA HIS A 4 5.25 -11.75 1.40
C HIS A 4 5.32 -10.21 1.40
N GLY A 5 6.20 -9.69 0.56
CA GLY A 5 6.37 -8.25 0.45
C GLY A 5 5.23 -7.62 -0.34
N GLN A 6 4.51 -8.46 -1.06
CA GLN A 6 3.38 -8.00 -1.86
C GLN A 6 2.29 -7.44 -0.96
N ILE A 7 2.36 -7.83 0.31
CA ILE A 7 1.37 -7.37 1.28
C ILE A 7 1.54 -5.87 1.51
N SER A 8 2.73 -5.39 1.19
CA SER A 8 3.05 -3.98 1.36
C SER A 8 2.22 -3.14 0.37
N HIS A 9 1.73 -3.81 -0.65
CA HIS A 9 0.93 -3.15 -1.67
C HIS A 9 -0.41 -2.71 -1.06
N LYS A 10 -0.70 -3.28 0.11
CA LYS A 10 -1.95 -2.96 0.80
C LYS A 10 -1.84 -1.55 1.39
N ARG A 11 -0.62 -1.07 1.47
CA ARG A 11 -0.37 0.27 2.00
C ARG A 11 -0.65 1.32 0.94
N HIS A 12 -1.11 0.85 -0.21
CA HIS A 12 -1.42 1.75 -1.30
C HIS A 12 -2.61 2.64 -0.92
N LYS A 13 -3.43 2.12 -0.02
CA LYS A 13 -4.59 2.86 0.45
C LYS A 13 -4.13 4.18 1.08
N THR A 14 -2.87 4.19 1.51
CA THR A 14 -2.31 5.38 2.13
C THR A 14 -2.00 6.43 1.07
N ASP A 15 -1.79 5.96 -0.15
CA ASP A 15 -1.48 6.85 -1.26
C ASP A 15 -2.76 7.59 -1.68
N SER A 16 -3.89 6.93 -1.45
CA SER A 16 -5.17 7.50 -1.81
C SER A 16 -5.55 8.60 -0.80
N PHE A 17 -4.95 8.52 0.37
CA PHE A 17 -5.21 9.49 1.42
C PHE A 17 -4.51 10.82 1.11
N VAL A 18 -3.47 10.74 0.30
CA VAL A 18 -2.71 11.92 -0.07
C VAL A 18 -3.58 12.82 -0.96
N GLY A 19 -4.47 12.18 -1.70
CA GLY A 19 -5.37 12.90 -2.59
C GLY A 19 -6.60 13.39 -1.84
N LEU A 20 -6.65 13.06 -0.55
CA LEU A 20 -7.77 13.45 0.28
C LEU A 20 -7.46 14.81 0.92
N MET A 21 -6.17 15.12 1.01
CA MET A 21 -5.74 16.38 1.59
C MET A 21 -6.08 17.55 0.67
N ASP A 1 9.72 -15.50 -1.47
CA ASP A 1 10.55 -14.78 -0.50
C ASP A 1 10.17 -13.30 -0.51
N ALA A 2 10.10 -12.74 -1.70
CA ALA A 2 9.75 -11.34 -1.85
C ALA A 2 8.23 -11.21 -2.01
N GLY A 3 7.58 -12.35 -2.11
CA GLY A 3 6.14 -12.38 -2.26
C GLY A 3 5.45 -12.02 -0.96
N HIS A 4 6.26 -11.75 0.06
CA HIS A 4 5.73 -11.39 1.37
C HIS A 4 5.34 -9.91 1.37
N GLY A 5 5.82 -9.21 0.35
CA GLY A 5 5.52 -7.78 0.22
C GLY A 5 4.14 -7.56 -0.40
N GLN A 6 3.64 -8.62 -1.03
CA GLN A 6 2.33 -8.55 -1.68
C GLN A 6 1.25 -8.26 -0.64
N ILE A 7 1.59 -8.52 0.61
CA ILE A 7 0.65 -8.29 1.71
C ILE A 7 0.66 -6.81 2.07
N SER A 8 1.69 -6.12 1.61
CA SER A 8 1.83 -4.70 1.89
C SER A 8 1.03 -3.90 0.86
N HIS A 9 0.25 -4.60 0.07
CA HIS A 9 -0.57 -3.97 -0.96
C HIS A 9 -1.72 -3.22 -0.30
N LYS A 10 -2.02 -3.62 0.94
CA LYS A 10 -3.10 -3.00 1.68
C LYS A 10 -2.63 -1.66 2.23
N ARG A 11 -1.31 -1.51 2.31
CA ARG A 11 -0.72 -0.30 2.83
C ARG A 11 -0.67 0.77 1.73
N HIS A 12 -1.27 0.43 0.59
CA HIS A 12 -1.31 1.35 -0.54
C HIS A 12 -2.49 2.30 -0.40
N LYS A 13 -3.38 1.94 0.53
CA LYS A 13 -4.56 2.76 0.77
C LYS A 13 -4.13 4.10 1.34
N THR A 14 -2.95 4.11 1.94
CA THR A 14 -2.42 5.33 2.53
C THR A 14 -1.90 6.27 1.45
N ASP A 15 -1.57 5.68 0.30
CA ASP A 15 -1.08 6.46 -0.82
C ASP A 15 -2.24 7.20 -1.47
N SER A 16 -3.42 6.62 -1.35
CA SER A 16 -4.61 7.21 -1.92
C SER A 16 -5.07 8.41 -1.08
N PHE A 17 -4.63 8.40 0.17
CA PHE A 17 -4.98 9.47 1.09
C PHE A 17 -4.18 10.74 0.78
N VAL A 18 -3.05 10.54 0.12
CA VAL A 18 -2.19 11.65 -0.24
C VAL A 18 -2.90 12.53 -1.27
N GLY A 19 -3.74 11.89 -2.07
CA GLY A 19 -4.49 12.60 -3.09
C GLY A 19 -5.77 13.21 -2.51
N LEU A 20 -5.97 12.98 -1.22
CA LEU A 20 -7.14 13.49 -0.54
C LEU A 20 -6.82 14.87 0.04
N MET A 21 -5.53 15.10 0.26
CA MET A 21 -5.07 16.37 0.80
C MET A 21 -5.19 17.49 -0.24
N ASP A 1 5.53 -17.65 -0.99
CA ASP A 1 6.47 -17.56 0.10
C ASP A 1 7.04 -16.15 0.16
N ALA A 2 7.49 -15.68 -0.99
CA ALA A 2 8.06 -14.34 -1.08
C ALA A 2 6.96 -13.33 -1.40
N GLY A 3 5.77 -13.86 -1.66
CA GLY A 3 4.63 -13.03 -1.98
C GLY A 3 4.12 -12.31 -0.73
N HIS A 4 4.79 -12.56 0.38
CA HIS A 4 4.41 -11.95 1.64
C HIS A 4 4.91 -10.49 1.67
N GLY A 5 5.90 -10.23 0.83
CA GLY A 5 6.47 -8.89 0.76
C GLY A 5 5.53 -7.94 0.02
N GLN A 6 4.60 -8.53 -0.71
CA GLN A 6 3.63 -7.74 -1.46
C GLN A 6 2.74 -6.94 -0.52
N ILE A 7 2.74 -7.36 0.73
CA ILE A 7 1.93 -6.69 1.75
C ILE A 7 2.49 -5.28 1.98
N SER A 8 3.72 -5.09 1.54
CA SER A 8 4.37 -3.80 1.69
C SER A 8 3.83 -2.81 0.65
N HIS A 9 3.28 -3.38 -0.42
CA HIS A 9 2.74 -2.56 -1.49
C HIS A 9 1.38 -1.99 -1.06
N LYS A 10 0.86 -2.54 0.02
CA LYS A 10 -0.43 -2.09 0.54
C LYS A 10 -0.29 -0.66 1.06
N ARG A 11 0.96 -0.26 1.27
CA ARG A 11 1.23 1.09 1.76
C ARG A 11 0.81 2.13 0.72
N HIS A 12 0.54 1.64 -0.48
CA HIS A 12 0.14 2.51 -1.57
C HIS A 12 -1.28 3.04 -1.30
N LYS A 13 -1.95 2.40 -0.35
CA LYS A 13 -3.29 2.80 0.01
C LYS A 13 -3.24 4.13 0.74
N THR A 14 -2.09 4.41 1.33
CA THR A 14 -1.90 5.66 2.07
C THR A 14 -1.75 6.83 1.11
N ASP A 15 -1.32 6.51 -0.10
CA ASP A 15 -1.12 7.52 -1.13
C ASP A 15 -2.48 7.96 -1.67
N SER A 16 -3.44 7.05 -1.60
CA SER A 16 -4.78 7.33 -2.07
C SER A 16 -5.51 8.23 -1.07
N PHE A 17 -5.02 8.21 0.16
CA PHE A 17 -5.62 9.02 1.21
C PHE A 17 -5.23 10.49 1.06
N VAL A 18 -4.12 10.71 0.37
CA VAL A 18 -3.63 12.05 0.14
C VAL A 18 -4.64 12.81 -0.75
N GLY A 19 -5.31 12.06 -1.61
CA GLY A 19 -6.29 12.64 -2.50
C GLY A 19 -7.65 12.79 -1.81
N LEU A 20 -7.69 12.35 -0.57
CA LEU A 20 -8.91 12.42 0.21
C LEU A 20 -8.94 13.76 0.96
N MET A 21 -7.76 14.31 1.18
CA MET A 21 -7.64 15.58 1.88
C MET A 21 -8.09 16.74 0.99
N ASP A 1 7.80 -16.71 -0.53
CA ASP A 1 8.95 -16.15 0.15
C ASP A 1 8.98 -14.64 -0.07
N ALA A 2 8.83 -14.25 -1.33
CA ALA A 2 8.84 -12.84 -1.68
C ALA A 2 7.42 -12.30 -1.61
N GLY A 3 6.48 -13.20 -1.41
CA GLY A 3 5.08 -12.83 -1.32
C GLY A 3 4.78 -12.10 -0.01
N HIS A 4 5.82 -11.95 0.79
CA HIS A 4 5.69 -11.27 2.08
C HIS A 4 5.68 -9.76 1.86
N GLY A 5 6.13 -9.36 0.68
CA GLY A 5 6.17 -7.95 0.33
C GLY A 5 4.83 -7.47 -0.20
N GLN A 6 4.02 -8.44 -0.62
CA GLN A 6 2.70 -8.12 -1.16
C GLN A 6 1.86 -7.40 -0.11
N ILE A 7 2.21 -7.61 1.14
CA ILE A 7 1.49 -6.97 2.25
C ILE A 7 1.75 -5.47 2.20
N SER A 8 2.85 -5.09 1.55
CA SER A 8 3.20 -3.69 1.44
C SER A 8 2.45 -3.05 0.27
N HIS A 9 1.92 -3.92 -0.59
CA HIS A 9 1.18 -3.45 -1.75
C HIS A 9 -0.18 -2.90 -1.32
N LYS A 10 -0.61 -3.34 -0.14
CA LYS A 10 -1.88 -2.90 0.40
C LYS A 10 -1.76 -1.45 0.87
N ARG A 11 -0.51 -1.00 0.99
CA ARG A 11 -0.24 0.36 1.43
C ARG A 11 -0.56 1.35 0.31
N HIS A 12 -0.94 0.79 -0.84
CA HIS A 12 -1.26 1.61 -2.00
C HIS A 12 -2.52 2.45 -1.70
N LYS A 13 -3.34 1.92 -0.80
CA LYS A 13 -4.56 2.60 -0.42
C LYS A 13 -4.22 3.81 0.45
N THR A 14 -3.05 3.74 1.08
CA THR A 14 -2.59 4.81 1.94
C THR A 14 -2.11 6.00 1.10
N ASP A 15 -1.74 5.70 -0.13
CA ASP A 15 -1.27 6.73 -1.04
C ASP A 15 -2.46 7.55 -1.54
N SER A 16 -3.61 6.90 -1.57
CA SER A 16 -4.83 7.54 -2.03
C SER A 16 -5.35 8.50 -0.95
N PHE A 17 -4.92 8.23 0.28
CA PHE A 17 -5.33 9.06 1.41
C PHE A 17 -4.59 10.41 1.39
N VAL A 18 -3.44 10.41 0.74
CA VAL A 18 -2.63 11.61 0.66
C VAL A 18 -3.28 12.58 -0.32
N GLY A 19 -3.97 12.03 -1.30
CA GLY A 19 -4.64 12.84 -2.30
C GLY A 19 -6.03 13.26 -1.82
N LEU A 20 -6.37 12.82 -0.61
CA LEU A 20 -7.65 13.16 -0.02
C LEU A 20 -7.52 14.45 0.78
N MET A 21 -6.29 14.73 1.20
CA MET A 21 -6.02 15.92 1.97
C MET A 21 -6.14 17.18 1.11
N ASP A 1 4.21 -17.21 1.01
CA ASP A 1 5.28 -17.14 1.98
C ASP A 1 6.18 -15.94 1.65
N ALA A 2 6.57 -15.87 0.38
CA ALA A 2 7.42 -14.79 -0.07
C ALA A 2 6.55 -13.63 -0.55
N GLY A 3 5.26 -13.88 -0.59
CA GLY A 3 4.31 -12.86 -1.02
C GLY A 3 4.15 -11.77 0.03
N HIS A 4 4.89 -11.94 1.13
CA HIS A 4 4.84 -10.98 2.22
C HIS A 4 5.42 -9.65 1.76
N GLY A 5 6.25 -9.73 0.73
CA GLY A 5 6.89 -8.53 0.19
C GLY A 5 5.88 -7.70 -0.62
N GLN A 6 4.78 -8.34 -0.98
CA GLN A 6 3.75 -7.68 -1.75
C GLN A 6 2.96 -6.71 -0.86
N ILE A 7 3.07 -6.94 0.45
CA ILE A 7 2.39 -6.09 1.41
C ILE A 7 2.96 -4.68 1.34
N SER A 8 4.10 -4.56 0.67
CA SER A 8 4.75 -3.27 0.52
C SER A 8 4.17 -2.53 -0.68
N HIS A 9 3.59 -3.29 -1.59
CA HIS A 9 3.00 -2.71 -2.78
C HIS A 9 1.57 -2.25 -2.48
N LYS A 10 1.06 -2.74 -1.36
CA LYS A 10 -0.28 -2.37 -0.93
C LYS A 10 -0.25 -1.01 -0.24
N ARG A 11 0.97 -0.56 0.05
CA ARG A 11 1.15 0.72 0.70
C ARG A 11 0.68 1.86 -0.20
N HIS A 12 0.43 1.51 -1.45
CA HIS A 12 -0.03 2.49 -2.42
C HIS A 12 -1.42 2.99 -2.03
N LYS A 13 -2.04 2.28 -1.10
CA LYS A 13 -3.36 2.65 -0.63
C LYS A 13 -3.24 3.87 0.28
N THR A 14 -2.06 4.06 0.84
CA THR A 14 -1.82 5.18 1.73
C THR A 14 -1.69 6.48 0.93
N ASP A 15 -1.32 6.32 -0.34
CA ASP A 15 -1.15 7.47 -1.22
C ASP A 15 -2.53 7.98 -1.62
N SER A 16 -3.50 7.07 -1.64
CA SER A 16 -4.85 7.42 -2.01
C SER A 16 -5.53 8.18 -0.87
N PHE A 17 -4.99 7.99 0.33
CA PHE A 17 -5.53 8.65 1.51
C PHE A 17 -5.14 10.13 1.54
N VAL A 18 -4.06 10.43 0.83
CA VAL A 18 -3.56 11.80 0.77
C VAL A 18 -4.57 12.66 0.00
N GLY A 19 -5.25 12.03 -0.94
CA GLY A 19 -6.24 12.71 -1.75
C GLY A 19 -7.59 12.77 -1.03
N LEU A 20 -7.63 12.17 0.15
CA LEU A 20 -8.84 12.15 0.94
C LEU A 20 -8.88 13.38 1.85
N MET A 21 -7.70 13.91 2.12
CA MET A 21 -7.58 15.07 2.98
C MET A 21 -8.06 16.34 2.26
N ASP A 1 5.11 -17.37 -0.62
CA ASP A 1 6.30 -17.36 0.21
C ASP A 1 6.99 -16.00 0.11
N ALA A 2 7.19 -15.58 -1.14
CA ALA A 2 7.84 -14.30 -1.41
C ALA A 2 6.78 -13.21 -1.48
N GLY A 3 5.52 -13.63 -1.44
CA GLY A 3 4.41 -12.70 -1.51
C GLY A 3 4.28 -11.92 -0.21
N HIS A 4 5.16 -12.23 0.72
CA HIS A 4 5.15 -11.56 2.02
C HIS A 4 5.61 -10.11 1.85
N GLY A 5 6.36 -9.88 0.79
CA GLY A 5 6.86 -8.55 0.50
C GLY A 5 5.82 -7.72 -0.25
N GLN A 6 4.76 -8.39 -0.67
CA GLN A 6 3.69 -7.73 -1.40
C GLN A 6 2.85 -6.88 -0.46
N ILE A 7 2.99 -7.17 0.83
CA ILE A 7 2.24 -6.44 1.85
C ILE A 7 2.69 -4.97 1.84
N SER A 8 3.86 -4.74 1.28
CA SER A 8 4.41 -3.40 1.20
C SER A 8 3.63 -2.58 0.17
N HIS A 9 2.98 -3.27 -0.73
CA HIS A 9 2.20 -2.63 -1.77
C HIS A 9 0.86 -2.16 -1.19
N LYS A 10 0.50 -2.77 -0.07
CA LYS A 10 -0.75 -2.42 0.59
C LYS A 10 -0.66 -0.98 1.11
N ARG A 11 0.56 -0.50 1.22
CA ARG A 11 0.79 0.85 1.70
C ARG A 11 0.45 1.87 0.61
N HIS A 12 0.19 1.34 -0.58
CA HIS A 12 -0.16 2.19 -1.70
C HIS A 12 -1.55 2.80 -1.49
N LYS A 13 -2.31 2.15 -0.61
CA LYS A 13 -3.65 2.62 -0.30
C LYS A 13 -3.57 3.89 0.54
N THR A 14 -2.44 4.04 1.22
CA THR A 14 -2.23 5.20 2.06
C THR A 14 -1.93 6.44 1.20
N ASP A 15 -1.44 6.17 0.00
CA ASP A 15 -1.12 7.26 -0.93
C ASP A 15 -2.41 7.83 -1.50
N SER A 16 -3.43 6.98 -1.57
CA SER A 16 -4.71 7.39 -2.09
C SER A 16 -5.44 8.27 -1.07
N PHE A 17 -5.04 8.12 0.18
CA PHE A 17 -5.65 8.88 1.26
C PHE A 17 -5.16 10.33 1.25
N VAL A 18 -3.99 10.52 0.64
CA VAL A 18 -3.41 11.84 0.55
C VAL A 18 -4.23 12.70 -0.41
N GLY A 19 -4.83 12.03 -1.38
CA GLY A 19 -5.65 12.72 -2.37
C GLY A 19 -7.08 12.90 -1.85
N LEU A 20 -7.32 12.41 -0.65
CA LEU A 20 -8.64 12.50 -0.04
C LEU A 20 -8.71 13.80 0.77
N MET A 21 -7.55 14.29 1.17
CA MET A 21 -7.47 15.52 1.95
C MET A 21 -7.76 16.74 1.07
N ASP A 1 6.53 -17.85 2.74
CA ASP A 1 6.49 -17.44 1.34
C ASP A 1 7.19 -16.09 1.20
N ALA A 2 7.69 -15.84 0.00
CA ALA A 2 8.38 -14.60 -0.28
C ALA A 2 7.37 -13.57 -0.79
N GLY A 3 6.15 -14.04 -1.01
CA GLY A 3 5.08 -13.17 -1.48
C GLY A 3 4.61 -12.22 -0.39
N HIS A 4 5.23 -12.36 0.77
CA HIS A 4 4.89 -11.52 1.91
C HIS A 4 5.31 -10.08 1.64
N GLY A 5 6.25 -9.94 0.70
CA GLY A 5 6.75 -8.62 0.34
C GLY A 5 5.79 -7.92 -0.63
N GLN A 6 4.92 -8.72 -1.23
CA GLN A 6 3.95 -8.19 -2.18
C GLN A 6 2.86 -7.41 -1.45
N ILE A 7 2.76 -7.67 -0.15
CA ILE A 7 1.78 -7.00 0.68
C ILE A 7 2.20 -5.55 0.92
N SER A 8 3.48 -5.30 0.68
CA SER A 8 4.03 -3.96 0.86
C SER A 8 3.51 -3.03 -0.22
N HIS A 9 2.87 -3.63 -1.23
CA HIS A 9 2.32 -2.86 -2.32
C HIS A 9 0.93 -2.34 -1.95
N LYS A 10 0.51 -2.69 -0.74
CA LYS A 10 -0.79 -2.27 -0.25
C LYS A 10 -0.68 -0.88 0.36
N ARG A 11 0.57 -0.41 0.48
CA ARG A 11 0.82 0.90 1.04
C ARG A 11 0.31 1.99 0.09
N HIS A 12 -0.10 1.57 -1.08
CA HIS A 12 -0.61 2.49 -2.08
C HIS A 12 -1.91 3.13 -1.57
N LYS A 13 -2.60 2.39 -0.70
CA LYS A 13 -3.84 2.88 -0.14
C LYS A 13 -3.57 4.17 0.64
N THR A 14 -2.33 4.32 1.07
CA THR A 14 -1.93 5.48 1.83
C THR A 14 -1.81 6.70 0.91
N ASP A 15 -1.58 6.42 -0.37
CA ASP A 15 -1.44 7.48 -1.36
C ASP A 15 -2.83 8.06 -1.67
N SER A 16 -3.84 7.22 -1.51
CA SER A 16 -5.20 7.63 -1.77
C SER A 16 -5.70 8.53 -0.63
N PHE A 17 -5.06 8.39 0.52
CA PHE A 17 -5.42 9.18 1.68
C PHE A 17 -4.94 10.63 1.53
N VAL A 18 -3.93 10.80 0.70
CA VAL A 18 -3.37 12.12 0.47
C VAL A 18 -4.36 12.95 -0.35
N GLY A 19 -5.12 12.26 -1.17
CA GLY A 19 -6.10 12.91 -2.01
C GLY A 19 -7.42 13.12 -1.26
N LEU A 20 -7.43 12.66 -0.02
CA LEU A 20 -8.62 12.78 0.82
C LEU A 20 -8.55 14.10 1.59
N MET A 21 -7.33 14.58 1.76
CA MET A 21 -7.12 15.84 2.48
C MET A 21 -7.35 17.04 1.56
N ASP A 1 4.66 -17.95 -1.09
CA ASP A 1 4.44 -17.00 -0.01
C ASP A 1 5.27 -15.74 -0.28
N ALA A 2 5.69 -15.60 -1.53
CA ALA A 2 6.48 -14.45 -1.92
C ALA A 2 5.60 -13.20 -1.88
N GLY A 3 4.31 -13.42 -1.67
CA GLY A 3 3.37 -12.32 -1.61
C GLY A 3 3.51 -11.54 -0.30
N HIS A 4 4.45 -11.99 0.51
CA HIS A 4 4.70 -11.34 1.79
C HIS A 4 5.27 -9.95 1.56
N GLY A 5 5.76 -9.74 0.35
CA GLY A 5 6.33 -8.45 -0.01
C GLY A 5 5.24 -7.47 -0.44
N GLN A 6 4.07 -8.01 -0.72
CA GLN A 6 2.95 -7.20 -1.14
C GLN A 6 2.42 -6.37 0.02
N ILE A 7 2.75 -6.82 1.22
CA ILE A 7 2.33 -6.12 2.43
C ILE A 7 3.07 -4.79 2.53
N SER A 8 4.22 -4.74 1.86
CA SER A 8 5.04 -3.54 1.87
C SER A 8 4.54 -2.56 0.80
N HIS A 9 3.76 -3.10 -0.13
CA HIS A 9 3.20 -2.29 -1.21
C HIS A 9 1.97 -1.55 -0.71
N LYS A 10 1.47 -1.98 0.44
CA LYS A 10 0.29 -1.36 1.03
C LYS A 10 0.62 0.07 1.42
N ARG A 11 1.91 0.34 1.54
CA ARG A 11 2.37 1.67 1.91
C ARG A 11 2.02 2.68 0.83
N HIS A 12 1.78 2.15 -0.37
CA HIS A 12 1.43 2.99 -1.50
C HIS A 12 -0.08 3.29 -1.49
N LYS A 13 -0.81 2.39 -0.82
CA LYS A 13 -2.25 2.54 -0.72
C LYS A 13 -2.58 3.72 0.20
N THR A 14 -1.63 4.03 1.07
CA THR A 14 -1.80 5.12 2.01
C THR A 14 -1.65 6.47 1.29
N ASP A 15 -0.94 6.43 0.18
CA ASP A 15 -0.70 7.64 -0.60
C ASP A 15 -1.98 8.00 -1.36
N SER A 16 -2.78 6.98 -1.65
CA SER A 16 -4.03 7.17 -2.37
C SER A 16 -5.08 7.78 -1.43
N PHE A 17 -4.85 7.58 -0.14
CA PHE A 17 -5.76 8.10 0.87
C PHE A 17 -5.60 9.60 1.03
N VAL A 18 -4.42 10.08 0.65
CA VAL A 18 -4.13 11.51 0.75
C VAL A 18 -4.99 12.28 -0.25
N GLY A 19 -5.30 11.61 -1.36
CA GLY A 19 -6.11 12.21 -2.40
C GLY A 19 -7.60 12.07 -2.08
N LEU A 20 -7.88 11.41 -0.96
CA LEU A 20 -9.26 11.20 -0.54
C LEU A 20 -9.69 12.36 0.35
N MET A 21 -8.70 13.01 0.95
CA MET A 21 -8.98 14.13 1.83
C MET A 21 -9.06 15.44 1.03
N ASP A 1 8.85 -15.79 0.25
CA ASP A 1 9.91 -14.99 0.83
C ASP A 1 9.77 -13.55 0.36
N ALA A 2 9.61 -13.40 -0.94
CA ALA A 2 9.47 -12.07 -1.53
C ALA A 2 7.99 -11.70 -1.58
N GLY A 3 7.15 -12.67 -1.23
CA GLY A 3 5.72 -12.46 -1.22
C GLY A 3 5.29 -11.57 -0.06
N HIS A 4 6.29 -11.16 0.72
CA HIS A 4 6.04 -10.29 1.87
C HIS A 4 5.53 -8.93 1.39
N GLY A 5 5.65 -8.71 0.09
CA GLY A 5 5.22 -7.46 -0.50
C GLY A 5 3.72 -7.51 -0.84
N GLN A 6 3.20 -8.72 -0.94
CA GLN A 6 1.80 -8.91 -1.26
C GLN A 6 0.93 -8.14 -0.26
N ILE A 7 1.44 -8.01 0.95
CA ILE A 7 0.72 -7.30 2.00
C ILE A 7 1.00 -5.81 1.89
N SER A 8 2.18 -5.50 1.36
CA SER A 8 2.58 -4.11 1.18
C SER A 8 1.84 -3.49 0.02
N HIS A 9 1.31 -4.35 -0.84
CA HIS A 9 0.56 -3.90 -2.00
C HIS A 9 -0.79 -3.32 -1.56
N LYS A 10 -1.19 -3.71 -0.35
CA LYS A 10 -2.45 -3.26 0.20
C LYS A 10 -2.26 -1.87 0.82
N ARG A 11 -1.00 -1.57 1.14
CA ARG A 11 -0.67 -0.29 1.74
C ARG A 11 -0.81 0.84 0.71
N HIS A 12 -1.05 0.42 -0.53
CA HIS A 12 -1.21 1.38 -1.61
C HIS A 12 -2.46 2.23 -1.38
N LYS A 13 -3.29 1.75 -0.46
CA LYS A 13 -4.52 2.46 -0.14
C LYS A 13 -4.19 3.69 0.70
N THR A 14 -3.04 3.64 1.35
CA THR A 14 -2.60 4.74 2.18
C THR A 14 -2.10 5.90 1.31
N ASP A 15 -1.70 5.55 0.09
CA ASP A 15 -1.21 6.55 -0.84
C ASP A 15 -2.37 7.36 -1.39
N SER A 16 -3.53 6.70 -1.46
CA SER A 16 -4.73 7.35 -1.95
C SER A 16 -5.20 8.41 -0.97
N PHE A 17 -4.85 8.20 0.29
CA PHE A 17 -5.22 9.14 1.33
C PHE A 17 -4.38 10.41 1.27
N VAL A 18 -3.21 10.29 0.66
CA VAL A 18 -2.30 11.41 0.53
C VAL A 18 -2.92 12.43 -0.45
N GLY A 19 -3.68 11.91 -1.40
CA GLY A 19 -4.32 12.76 -2.39
C GLY A 19 -5.65 13.32 -1.85
N LEU A 20 -5.96 12.93 -0.63
CA LEU A 20 -7.19 13.38 0.00
C LEU A 20 -6.91 14.67 0.79
N MET A 21 -5.65 14.85 1.14
CA MET A 21 -5.24 16.02 1.88
C MET A 21 -5.25 17.26 0.99
N ASP A 1 7.02 -17.98 0.45
CA ASP A 1 6.43 -16.93 1.26
C ASP A 1 7.03 -15.57 0.88
N ALA A 2 7.66 -15.56 -0.29
CA ALA A 2 8.28 -14.33 -0.78
C ALA A 2 7.20 -13.31 -1.14
N GLY A 3 5.96 -13.78 -1.09
CA GLY A 3 4.83 -12.92 -1.41
C GLY A 3 4.56 -11.92 -0.28
N HIS A 4 5.39 -12.02 0.76
CA HIS A 4 5.25 -11.13 1.90
C HIS A 4 5.54 -9.69 1.47
N GLY A 5 6.14 -9.57 0.30
CA GLY A 5 6.48 -8.26 -0.24
C GLY A 5 5.26 -7.62 -0.90
N GLN A 6 4.26 -8.44 -1.17
CA GLN A 6 3.05 -7.97 -1.80
C GLN A 6 2.22 -7.14 -0.80
N ILE A 7 2.47 -7.39 0.47
CA ILE A 7 1.76 -6.68 1.53
C ILE A 7 2.17 -5.21 1.50
N SER A 8 3.33 -4.95 0.93
CA SER A 8 3.84 -3.60 0.83
C SER A 8 2.98 -2.79 -0.14
N HIS A 9 2.29 -3.50 -1.00
CA HIS A 9 1.42 -2.86 -1.98
C HIS A 9 0.25 -2.19 -1.28
N LYS A 10 -0.01 -2.64 -0.05
CA LYS A 10 -1.10 -2.10 0.74
C LYS A 10 -0.75 -0.67 1.17
N ARG A 11 0.55 -0.38 1.16
CA ARG A 11 1.03 0.93 1.54
C ARG A 11 0.67 1.96 0.46
N HIS A 12 0.44 1.45 -0.74
CA HIS A 12 0.09 2.31 -1.86
C HIS A 12 -1.31 2.88 -1.64
N LYS A 13 -2.08 2.18 -0.83
CA LYS A 13 -3.44 2.62 -0.53
C LYS A 13 -3.39 3.86 0.36
N THR A 14 -2.27 4.01 1.06
CA THR A 14 -2.09 5.14 1.94
C THR A 14 -1.80 6.41 1.14
N ASP A 15 -1.29 6.20 -0.06
CA ASP A 15 -0.96 7.31 -0.94
C ASP A 15 -2.25 7.89 -1.52
N SER A 16 -3.26 7.03 -1.63
CA SER A 16 -4.54 7.44 -2.16
C SER A 16 -5.30 8.28 -1.13
N PHE A 17 -4.91 8.08 0.13
CA PHE A 17 -5.55 8.79 1.22
C PHE A 17 -5.08 10.25 1.27
N VAL A 18 -3.91 10.47 0.69
CA VAL A 18 -3.34 11.82 0.67
C VAL A 18 -4.19 12.72 -0.23
N GLY A 19 -4.80 12.08 -1.23
CA GLY A 19 -5.64 12.81 -2.16
C GLY A 19 -7.06 12.97 -1.61
N LEU A 20 -7.27 12.41 -0.42
CA LEU A 20 -8.57 12.48 0.22
C LEU A 20 -8.63 13.73 1.11
N MET A 21 -7.45 14.19 1.50
CA MET A 21 -7.34 15.37 2.34
C MET A 21 -7.71 16.63 1.57
N ASP A 1 6.43 -17.06 -3.01
CA ASP A 1 6.16 -16.51 -1.70
C ASP A 1 6.42 -15.00 -1.71
N ALA A 2 6.47 -14.46 -2.92
CA ALA A 2 6.71 -13.03 -3.09
C ALA A 2 5.49 -12.25 -2.60
N GLY A 3 4.44 -12.99 -2.29
CA GLY A 3 3.21 -12.38 -1.79
C GLY A 3 3.39 -11.89 -0.36
N HIS A 4 4.58 -12.10 0.17
CA HIS A 4 4.88 -11.68 1.53
C HIS A 4 5.30 -10.21 1.53
N GLY A 5 5.73 -9.75 0.37
CA GLY A 5 6.16 -8.37 0.23
C GLY A 5 4.96 -7.44 -0.04
N GLN A 6 3.87 -8.06 -0.43
CA GLN A 6 2.65 -7.31 -0.72
C GLN A 6 2.16 -6.59 0.53
N ILE A 7 2.56 -7.13 1.68
CA ILE A 7 2.17 -6.55 2.95
C ILE A 7 2.78 -5.15 3.08
N SER A 8 3.85 -4.94 2.33
CA SER A 8 4.53 -3.66 2.35
C SER A 8 3.86 -2.69 1.39
N HIS A 9 3.15 -3.26 0.43
CA HIS A 9 2.45 -2.45 -0.57
C HIS A 9 1.17 -1.87 0.04
N LYS A 10 0.73 -2.51 1.11
CA LYS A 10 -0.48 -2.07 1.80
C LYS A 10 -0.22 -0.70 2.42
N ARG A 11 1.05 -0.31 2.43
CA ARG A 11 1.42 0.98 3.00
C ARG A 11 1.26 2.08 1.95
N HIS A 12 1.34 1.68 0.69
CA HIS A 12 1.20 2.63 -0.41
C HIS A 12 -0.26 3.07 -0.53
N LYS A 13 -1.14 2.19 -0.08
CA LYS A 13 -2.57 2.48 -0.12
C LYS A 13 -2.86 3.76 0.68
N THR A 14 -1.94 4.06 1.58
CA THR A 14 -2.08 5.25 2.42
C THR A 14 -1.76 6.50 1.61
N ASP A 15 -0.95 6.32 0.57
CA ASP A 15 -0.57 7.43 -0.28
C ASP A 15 -1.74 7.81 -1.19
N SER A 16 -2.58 6.82 -1.47
CA SER A 16 -3.74 7.02 -2.32
C SER A 16 -4.82 7.78 -1.54
N PHE A 17 -4.73 7.69 -0.22
CA PHE A 17 -5.69 8.36 0.64
C PHE A 17 -5.42 9.87 0.68
N VAL A 18 -4.19 10.23 0.38
CA VAL A 18 -3.79 11.63 0.38
C VAL A 18 -4.49 12.35 -0.77
N GLY A 19 -4.73 11.61 -1.84
CA GLY A 19 -5.39 12.17 -3.01
C GLY A 19 -6.91 12.14 -2.85
N LEU A 20 -7.34 11.61 -1.71
CA LEU A 20 -8.77 11.52 -1.43
C LEU A 20 -9.21 12.79 -0.70
N MET A 21 -8.25 13.44 -0.05
CA MET A 21 -8.53 14.66 0.68
C MET A 21 -8.86 15.81 -0.26
#